data_2QS1
#
_entry.id   2QS1
#
_cell.length_a   97.823
_cell.length_b   97.816
_cell.length_c   129.043
_cell.angle_alpha   90.00
_cell.angle_beta   90.00
_cell.angle_gamma   90.00
#
_symmetry.space_group_name_H-M   'C 2 2 21'
#
loop_
_entity.id
_entity.type
_entity.pdbx_description
1 polymer 'Glutamate receptor, ionotropic kainate 1'
2 non-polymer 'CHLORIDE ION'
3 non-polymer 'PENTAETHYLENE GLYCOL'
4 non-polymer '3-({3-[(2S)-2-amino-2-carboxyethyl]-5-methyl-2,6-dioxo-3,6-dihydropyrimidin-1(2H)-yl}methyl)-4,5-dibromothiophene-2-carboxylic acid'
5 water water
#
_entity_poly.entity_id   1
_entity_poly.type   'polypeptide(L)'
_entity_poly.pdbx_seq_one_letter_code
;GSNRTLIVTTILEEPYVMYRKSDKPLYGNDRFEGYCLDLLKELSNILGFLYDVKLVPDGKYGAQNDKGEWNGMVKELIDH
RADLAVAPLTITYVREKVIDFSKPFMTLGISILYRKGTPIDSADDLAKQTKIEYGAVRDGSTMTFFKKSKISTYEKMWAF
MSSRQQSALVKNSDEGIQRVLTTDYALLMESTSIEYVTQRNCNLTQIGGLIDSKGYGVGTPIGSPYRDKITIAILQLQEE
GKLHMMKEKWWRGNGCPS
;
_entity_poly.pdbx_strand_id   A,B
#
loop_
_chem_comp.id
_chem_comp.type
_chem_comp.name
_chem_comp.formula
1PE non-polymer 'PENTAETHYLENE GLYCOL' 'C10 H22 O6'
CL non-polymer 'CHLORIDE ION' 'Cl -1'
UB1 non-polymer '3-({3-[(2S)-2-amino-2-carboxyethyl]-5-methyl-2,6-dioxo-3,6-dihydropyrimidin-1(2H)-yl}methyl)-4,5-dibromothiophene-2-carboxylic acid' 'C14 H13 Br2 N3 O6 S'
#
# COMPACT_ATOMS: atom_id res chain seq x y z
N ARG A 4 -7.04 15.81 -5.04
CA ARG A 4 -6.95 14.32 -5.05
C ARG A 4 -8.32 13.68 -5.15
N THR A 5 -8.64 13.13 -6.32
CA THR A 5 -9.83 12.27 -6.44
C THR A 5 -9.43 10.93 -5.86
N LEU A 6 -10.10 10.53 -4.79
CA LEU A 6 -9.76 9.31 -4.10
C LEU A 6 -10.22 8.10 -4.88
N ILE A 7 -9.35 7.10 -5.01
N ILE A 7 -9.35 7.10 -5.00
CA ILE A 7 -9.73 5.83 -5.60
CA ILE A 7 -9.72 5.82 -5.58
C ILE A 7 -10.26 4.92 -4.49
C ILE A 7 -10.27 4.94 -4.46
N VAL A 8 -11.49 4.44 -4.66
CA VAL A 8 -12.15 3.62 -3.65
C VAL A 8 -12.27 2.20 -4.18
N THR A 9 -11.60 1.27 -3.52
CA THR A 9 -11.79 -0.13 -3.84
C THR A 9 -13.01 -0.68 -3.10
N THR A 10 -13.75 -1.56 -3.78
CA THR A 10 -14.90 -2.20 -3.16
C THR A 10 -15.13 -3.53 -3.88
N ILE A 11 -16.18 -4.24 -3.49
CA ILE A 11 -16.41 -5.60 -3.97
C ILE A 11 -17.91 -5.78 -4.18
N LEU A 12 -18.28 -6.49 -5.24
CA LEU A 12 -19.68 -6.80 -5.47
C LEU A 12 -20.20 -7.73 -4.38
N GLU A 13 -21.22 -7.29 -3.65
CA GLU A 13 -21.79 -8.04 -2.53
C GLU A 13 -23.14 -7.47 -2.16
N GLU A 14 -24.21 -8.25 -2.34
CA GLU A 14 -25.56 -7.80 -2.06
C GLU A 14 -25.77 -7.69 -0.54
N PRO A 15 -26.37 -6.58 -0.04
CA PRO A 15 -26.83 -5.37 -0.73
C PRO A 15 -25.88 -4.19 -0.59
N TYR A 16 -24.58 -4.46 -0.38
CA TYR A 16 -23.61 -3.39 -0.18
C TYR A 16 -23.20 -2.70 -1.46
N VAL A 17 -22.93 -3.48 -2.50
CA VAL A 17 -22.47 -2.95 -3.78
C VAL A 17 -23.06 -3.82 -4.88
N MET A 18 -23.86 -3.20 -5.74
N MET A 18 -23.82 -3.19 -5.76
CA MET A 18 -24.47 -3.88 -6.88
CA MET A 18 -24.48 -3.88 -6.87
C MET A 18 -24.44 -2.99 -8.10
C MET A 18 -24.49 -2.99 -8.10
N TYR A 19 -24.46 -3.59 -9.28
CA TYR A 19 -24.70 -2.84 -10.51
C TYR A 19 -26.18 -2.48 -10.49
N ARG A 20 -26.49 -1.22 -10.80
CA ARG A 20 -27.90 -0.78 -10.87
C ARG A 20 -28.60 -1.53 -11.99
N LYS A 21 -29.86 -1.91 -11.76
CA LYS A 21 -30.66 -2.63 -12.75
C LYS A 21 -31.20 -1.60 -13.75
N SER A 22 -30.33 -1.14 -14.64
CA SER A 22 -30.69 -0.09 -15.58
C SER A 22 -29.82 -0.15 -16.81
N ASP A 23 -30.43 0.15 -17.97
CA ASP A 23 -29.68 0.35 -19.23
C ASP A 23 -29.59 1.85 -19.56
N LYS A 24 -29.93 2.70 -18.60
CA LYS A 24 -29.78 4.15 -18.77
C LYS A 24 -28.29 4.51 -18.89
N PRO A 25 -27.95 5.68 -19.47
CA PRO A 25 -26.53 6.01 -19.63
C PRO A 25 -25.96 6.42 -18.28
N LEU A 26 -25.32 5.45 -17.63
CA LEU A 26 -24.79 5.64 -16.28
C LEU A 26 -23.31 5.32 -16.40
N TYR A 27 -22.47 6.21 -15.86
CA TYR A 27 -21.03 6.08 -16.03
C TYR A 27 -20.39 6.19 -14.66
N GLY A 28 -19.18 5.67 -14.54
CA GLY A 28 -18.41 5.83 -13.31
C GLY A 28 -19.16 5.31 -12.10
N ASN A 29 -19.18 6.13 -11.04
CA ASN A 29 -19.84 5.73 -9.80
C ASN A 29 -21.33 5.46 -9.93
N ASP A 30 -21.95 6.07 -10.95
CA ASP A 30 -23.40 6.01 -11.14
C ASP A 30 -23.87 4.64 -11.61
N ARG A 31 -22.91 3.79 -12.01
CA ARG A 31 -23.19 2.42 -12.41
C ARG A 31 -23.61 1.55 -11.24
N PHE A 32 -23.33 2.02 -10.02
CA PHE A 32 -23.45 1.22 -8.80
C PHE A 32 -24.49 1.74 -7.84
N GLU A 33 -24.99 0.86 -7.00
CA GLU A 33 -25.90 1.20 -5.91
C GLU A 33 -25.63 0.27 -4.74
N GLY A 34 -26.19 0.59 -3.58
CA GLY A 34 -26.05 -0.29 -2.42
C GLY A 34 -25.68 0.45 -1.16
N TYR A 35 -25.77 -0.25 -0.03
CA TYR A 35 -25.43 0.35 1.27
C TYR A 35 -24.08 1.08 1.23
N CYS A 36 -23.08 0.45 0.64
CA CYS A 36 -21.73 1.04 0.63
C CYS A 36 -21.63 2.25 -0.30
N LEU A 37 -22.43 2.27 -1.36
CA LEU A 37 -22.47 3.46 -2.20
C LEU A 37 -23.12 4.63 -1.46
N ASP A 38 -24.19 4.34 -0.72
CA ASP A 38 -24.84 5.38 0.08
C ASP A 38 -23.88 5.90 1.16
N LEU A 39 -23.19 4.97 1.81
CA LEU A 39 -22.20 5.35 2.83
C LEU A 39 -21.12 6.24 2.25
N LEU A 40 -20.60 5.82 1.11
CA LEU A 40 -19.50 6.54 0.47
C LEU A 40 -19.95 7.96 0.09
N LYS A 41 -21.19 8.08 -0.42
CA LYS A 41 -21.73 9.40 -0.72
C LYS A 41 -21.79 10.30 0.52
N GLU A 42 -22.26 9.74 1.64
CA GLU A 42 -22.32 10.50 2.89
C GLU A 42 -20.93 10.90 3.35
N LEU A 43 -20.00 9.96 3.29
CA LEU A 43 -18.62 10.23 3.70
C LEU A 43 -18.03 11.35 2.85
N SER A 44 -18.28 11.28 1.54
N SER A 44 -18.25 11.28 1.53
CA SER A 44 -17.78 12.26 0.57
CA SER A 44 -17.76 12.29 0.60
C SER A 44 -18.39 13.65 0.76
C SER A 44 -18.33 13.65 0.98
N ASN A 45 -19.63 13.69 1.27
CA ASN A 45 -20.28 14.95 1.63
C ASN A 45 -19.83 15.55 2.98
N ILE A 46 -19.50 14.70 3.96
CA ILE A 46 -19.02 15.17 5.24
C ILE A 46 -17.57 15.64 5.15
N LEU A 47 -16.72 14.84 4.50
CA LEU A 47 -15.28 15.14 4.42
C LEU A 47 -14.93 16.10 3.28
N GLY A 48 -15.75 16.08 2.25
CA GLY A 48 -15.57 16.91 1.06
C GLY A 48 -14.51 16.35 0.13
N PHE A 49 -14.69 15.10 -0.32
CA PHE A 49 -13.76 14.55 -1.30
C PHE A 49 -14.46 14.07 -2.58
N LEU A 50 -13.71 14.09 -3.68
CA LEU A 50 -14.16 13.47 -4.93
C LEU A 50 -13.67 12.03 -4.88
N TYR A 51 -14.37 11.14 -5.57
CA TYR A 51 -13.98 9.73 -5.55
C TYR A 51 -14.36 8.99 -6.83
N ASP A 52 -13.65 7.89 -7.06
CA ASP A 52 -13.79 7.05 -8.23
C ASP A 52 -13.83 5.61 -7.70
N VAL A 53 -14.98 4.97 -7.84
CA VAL A 53 -15.18 3.60 -7.37
C VAL A 53 -14.57 2.63 -8.38
N LYS A 54 -13.70 1.74 -7.89
N LYS A 54 -13.70 1.74 -7.89
CA LYS A 54 -13.11 0.70 -8.70
CA LYS A 54 -13.07 0.70 -8.71
C LYS A 54 -13.33 -0.64 -8.03
C LYS A 54 -13.25 -0.67 -8.07
N LEU A 55 -13.99 -1.57 -8.73
CA LEU A 55 -14.19 -2.92 -8.21
C LEU A 55 -12.84 -3.63 -8.10
N VAL A 56 -12.59 -4.30 -6.98
CA VAL A 56 -11.33 -5.04 -6.81
C VAL A 56 -11.18 -6.09 -7.93
N PRO A 57 -10.09 -5.99 -8.71
CA PRO A 57 -9.93 -6.86 -9.88
C PRO A 57 -10.06 -8.37 -9.61
N ASP A 58 -9.52 -8.86 -8.50
CA ASP A 58 -9.58 -10.30 -8.21
C ASP A 58 -10.85 -10.74 -7.48
N GLY A 59 -11.74 -9.78 -7.21
CA GLY A 59 -13.00 -10.03 -6.50
C GLY A 59 -12.85 -10.64 -5.11
N LYS A 60 -11.76 -10.34 -4.43
CA LYS A 60 -11.50 -10.91 -3.10
C LYS A 60 -11.46 -9.84 -2.02
N TYR A 61 -11.81 -10.23 -0.79
CA TYR A 61 -11.77 -9.31 0.36
C TYR A 61 -10.32 -9.01 0.75
N GLY A 62 -9.54 -10.05 0.97
CA GLY A 62 -8.14 -9.87 1.32
C GLY A 62 -7.65 -10.85 2.36
N ALA A 63 -6.80 -11.77 1.91
CA ALA A 63 -6.17 -12.78 2.75
C ALA A 63 -4.70 -12.92 2.34
N GLN A 64 -3.94 -13.58 3.21
N GLN A 64 -3.89 -13.51 3.21
CA GLN A 64 -2.51 -13.76 3.05
CA GLN A 64 -2.45 -13.62 2.90
C GLN A 64 -2.20 -15.16 2.55
C GLN A 64 -1.92 -15.05 2.84
N ASN A 65 -1.08 -15.31 1.84
CA ASN A 65 -0.52 -16.64 1.57
C ASN A 65 0.69 -16.94 2.45
N ASP A 66 1.33 -18.08 2.22
CA ASP A 66 2.39 -18.59 3.09
C ASP A 66 3.72 -17.85 2.90
N LYS A 67 3.65 -16.67 2.28
CA LYS A 67 4.83 -15.88 1.93
C LYS A 67 4.65 -14.41 2.34
N GLY A 68 3.53 -14.12 2.98
CA GLY A 68 3.22 -12.76 3.43
C GLY A 68 2.65 -11.90 2.32
N GLU A 69 2.14 -12.54 1.27
CA GLU A 69 1.58 -11.83 0.12
C GLU A 69 0.06 -11.71 0.23
N TRP A 70 -0.45 -10.50 0.08
CA TRP A 70 -1.87 -10.24 0.23
C TRP A 70 -2.59 -10.20 -1.12
N ASN A 71 -3.90 -10.40 -1.08
CA ASN A 71 -4.74 -10.25 -2.27
C ASN A 71 -5.91 -9.33 -1.97
N GLY A 72 -6.84 -9.22 -2.92
CA GLY A 72 -8.09 -8.50 -2.67
C GLY A 72 -7.95 -7.01 -2.40
N MET A 73 -8.93 -6.45 -1.71
CA MET A 73 -8.94 -5.02 -1.40
C MET A 73 -7.77 -4.62 -0.51
N VAL A 74 -7.39 -5.51 0.39
CA VAL A 74 -6.25 -5.27 1.27
C VAL A 74 -5.00 -5.03 0.44
N LYS A 75 -4.77 -5.87 -0.58
CA LYS A 75 -3.62 -5.67 -1.46
C LYS A 75 -3.67 -4.34 -2.21
N GLU A 76 -4.85 -3.94 -2.67
CA GLU A 76 -5.02 -2.67 -3.38
C GLU A 76 -4.57 -1.51 -2.49
N LEU A 77 -4.93 -1.57 -1.21
CA LEU A 77 -4.51 -0.55 -0.27
C LEU A 77 -3.00 -0.57 -0.03
N ILE A 78 -2.45 -1.75 0.21
CA ILE A 78 -1.00 -1.90 0.47
C ILE A 78 -0.21 -1.31 -0.69
N ASP A 79 -0.69 -1.57 -1.91
CA ASP A 79 -0.01 -1.17 -3.14
C ASP A 79 -0.25 0.29 -3.52
N HIS A 80 -1.04 1.01 -2.71
CA HIS A 80 -1.44 2.39 -2.99
C HIS A 80 -2.19 2.54 -4.32
N ARG A 81 -2.90 1.50 -4.74
CA ARG A 81 -3.79 1.57 -5.90
C ARG A 81 -5.23 1.95 -5.52
N ALA A 82 -5.47 2.08 -4.23
CA ALA A 82 -6.74 2.61 -3.70
C ALA A 82 -6.41 3.40 -2.46
N ASP A 83 -7.16 4.48 -2.26
CA ASP A 83 -7.06 5.32 -1.07
C ASP A 83 -7.94 4.83 0.08
N LEU A 84 -9.12 4.31 -0.27
CA LEU A 84 -10.07 3.77 0.71
C LEU A 84 -10.60 2.43 0.21
N ALA A 85 -10.92 1.54 1.14
CA ALA A 85 -11.76 0.37 0.87
C ALA A 85 -13.08 0.57 1.59
N VAL A 86 -14.14 0.81 0.84
CA VAL A 86 -15.46 0.98 1.46
C VAL A 86 -16.28 -0.23 1.03
N ALA A 87 -16.37 -1.18 1.95
CA ALA A 87 -16.86 -2.52 1.68
C ALA A 87 -17.18 -3.16 3.04
N PRO A 88 -17.95 -4.27 3.04
CA PRO A 88 -18.12 -5.04 4.26
C PRO A 88 -16.85 -5.83 4.60
N LEU A 89 -15.81 -5.08 4.99
CA LEU A 89 -14.48 -5.62 5.21
C LEU A 89 -14.23 -5.66 6.71
N THR A 90 -14.05 -6.85 7.26
CA THR A 90 -13.92 -7.02 8.71
C THR A 90 -12.59 -6.49 9.22
N ILE A 91 -12.67 -5.70 10.29
CA ILE A 91 -11.50 -5.27 11.03
C ILE A 91 -10.92 -6.44 11.82
N THR A 92 -9.71 -6.85 11.45
CA THR A 92 -9.06 -8.00 12.11
C THR A 92 -7.63 -7.68 12.49
N TYR A 93 -7.12 -8.40 13.48
CA TYR A 93 -5.74 -8.30 13.95
C TYR A 93 -4.73 -8.38 12.80
N VAL A 94 -4.86 -9.43 11.98
CA VAL A 94 -3.91 -9.64 10.89
C VAL A 94 -3.90 -8.51 9.87
N ARG A 95 -5.09 -8.02 9.51
CA ARG A 95 -5.20 -6.93 8.56
C ARG A 95 -4.67 -5.60 9.10
N GLU A 96 -4.85 -5.38 10.41
CA GLU A 96 -4.33 -4.16 11.06
C GLU A 96 -2.78 -4.09 11.05
N LYS A 97 -2.14 -5.24 10.82
N LYS A 97 -2.14 -5.24 10.80
CA LYS A 97 -0.68 -5.29 10.63
CA LYS A 97 -0.69 -5.30 10.64
C LYS A 97 -0.26 -4.50 9.38
C LYS A 97 -0.22 -4.65 9.33
N VAL A 98 -1.12 -4.49 8.37
CA VAL A 98 -0.74 -4.01 7.02
C VAL A 98 -1.54 -2.83 6.45
N ILE A 99 -2.73 -2.59 7.02
CA ILE A 99 -3.57 -1.45 6.67
C ILE A 99 -4.18 -0.86 7.96
N ASP A 100 -4.73 0.34 7.84
CA ASP A 100 -5.47 0.96 8.96
C ASP A 100 -6.98 0.84 8.62
N PHE A 101 -7.82 1.03 9.64
CA PHE A 101 -9.28 0.94 9.48
C PHE A 101 -9.88 2.07 10.29
N SER A 102 -10.93 2.66 9.75
CA SER A 102 -11.84 3.47 10.56
C SER A 102 -12.47 2.60 11.63
N LYS A 103 -13.02 3.25 12.65
CA LYS A 103 -13.90 2.53 13.56
C LYS A 103 -15.10 1.94 12.79
N PRO A 104 -15.74 0.87 13.32
CA PRO A 104 -16.70 0.18 12.45
C PRO A 104 -17.98 0.96 12.13
N PHE A 105 -18.47 0.84 10.90
CA PHE A 105 -19.77 1.42 10.56
C PHE A 105 -20.90 0.41 10.78
N MET A 106 -20.53 -0.85 10.97
CA MET A 106 -21.51 -1.90 11.25
C MET A 106 -20.85 -2.95 12.11
N THR A 107 -21.57 -3.43 13.11
CA THR A 107 -21.04 -4.46 13.99
C THR A 107 -21.94 -5.68 13.86
N LEU A 108 -21.36 -6.85 14.10
CA LEU A 108 -21.98 -8.10 13.73
C LEU A 108 -21.31 -9.24 14.47
N GLY A 109 -21.74 -10.47 14.16
CA GLY A 109 -21.12 -11.66 14.70
C GLY A 109 -21.63 -12.86 13.94
N ILE A 110 -20.96 -13.99 14.12
CA ILE A 110 -21.47 -15.27 13.62
C ILE A 110 -22.78 -15.59 14.34
N SER A 111 -23.76 -16.08 13.59
CA SER A 111 -25.02 -16.55 14.17
C SER A 111 -25.58 -17.72 13.36
N ILE A 112 -26.81 -18.11 13.66
CA ILE A 112 -27.40 -19.31 13.07
C ILE A 112 -28.63 -18.99 12.21
N LEU A 113 -28.64 -19.55 10.99
CA LEU A 113 -29.80 -19.47 10.12
C LEU A 113 -30.51 -20.83 10.12
N TYR A 114 -31.79 -20.83 10.49
CA TYR A 114 -32.57 -22.07 10.63
C TYR A 114 -34.06 -21.77 10.46
N ARG A 115 -34.88 -22.82 10.48
CA ARG A 115 -36.33 -22.69 10.33
C ARG A 115 -36.97 -22.17 11.62
N LYS A 116 -38.12 -21.52 11.47
CA LYS A 116 -38.97 -21.12 12.60
C LYS A 116 -39.66 -22.34 13.22
N GLY A 117 -40.04 -22.22 14.49
CA GLY A 117 -40.84 -23.23 15.18
C GLY A 117 -40.07 -24.47 15.59
N THR A 118 -38.92 -24.28 16.24
CA THR A 118 -38.07 -25.38 16.67
C THR A 118 -37.51 -25.07 18.06
N PRO A 119 -37.44 -26.09 18.95
CA PRO A 119 -36.86 -25.92 20.30
C PRO A 119 -35.42 -25.38 20.31
N ILE A 120 -34.74 -25.41 19.17
CA ILE A 120 -33.35 -24.93 19.06
C ILE A 120 -33.29 -23.42 19.29
N ASP A 121 -32.42 -23.02 20.23
CA ASP A 121 -32.34 -21.63 20.69
C ASP A 121 -30.91 -21.12 20.81
N SER A 122 -29.93 -21.97 20.50
CA SER A 122 -28.51 -21.61 20.59
C SER A 122 -27.60 -22.60 19.85
N ALA A 123 -26.32 -22.27 19.79
CA ALA A 123 -25.29 -23.15 19.24
C ALA A 123 -25.10 -24.40 20.11
N ASP A 124 -25.35 -24.25 21.41
CA ASP A 124 -25.30 -25.36 22.37
C ASP A 124 -26.30 -26.45 22.02
N ASP A 125 -27.46 -26.05 21.51
CA ASP A 125 -28.51 -26.98 21.11
C ASP A 125 -28.11 -27.80 19.88
N LEU A 126 -27.35 -27.18 18.98
CA LEU A 126 -26.88 -27.87 17.78
C LEU A 126 -25.66 -28.75 18.07
N ALA A 127 -24.83 -28.31 19.02
CA ALA A 127 -23.58 -28.98 19.35
C ALA A 127 -23.78 -30.37 19.95
N LYS A 128 -24.79 -30.49 20.81
CA LYS A 128 -25.03 -31.74 21.54
C LYS A 128 -26.03 -32.70 20.89
N GLN A 129 -26.41 -32.41 19.65
CA GLN A 129 -27.32 -33.30 18.91
C GLN A 129 -26.79 -33.68 17.53
N THR A 130 -27.38 -34.72 16.94
CA THR A 130 -26.91 -35.32 15.69
C THR A 130 -27.93 -35.16 14.56
N LYS A 131 -29.21 -35.08 14.92
CA LYS A 131 -30.32 -35.09 13.97
C LYS A 131 -30.31 -33.95 12.95
N ILE A 132 -30.02 -32.74 13.42
CA ILE A 132 -29.94 -31.56 12.58
C ILE A 132 -28.50 -31.35 12.11
N GLU A 133 -28.31 -31.32 10.79
CA GLU A 133 -26.99 -31.10 10.20
C GLU A 133 -26.68 -29.60 10.17
N TYR A 134 -25.43 -29.25 10.48
CA TYR A 134 -25.02 -27.84 10.53
C TYR A 134 -23.59 -27.64 10.04
N GLY A 135 -23.36 -26.49 9.40
CA GLY A 135 -22.03 -26.15 8.90
C GLY A 135 -21.93 -24.71 8.44
N ALA A 136 -20.97 -24.45 7.56
CA ALA A 136 -20.71 -23.12 7.03
C ALA A 136 -20.20 -23.21 5.59
N VAL A 137 -19.92 -22.05 4.99
CA VAL A 137 -19.31 -22.00 3.67
C VAL A 137 -17.83 -22.37 3.78
N ARG A 138 -17.36 -23.19 2.85
CA ARG A 138 -15.97 -23.65 2.82
C ARG A 138 -14.99 -22.48 2.65
N ASP A 139 -13.92 -22.51 3.45
CA ASP A 139 -12.84 -21.51 3.41
C ASP A 139 -13.31 -20.06 3.60
N GLY A 140 -14.46 -19.88 4.24
CA GLY A 140 -14.97 -18.55 4.54
C GLY A 140 -14.58 -18.10 5.93
N SER A 141 -15.02 -16.91 6.30
CA SER A 141 -14.72 -16.32 7.60
C SER A 141 -15.23 -17.18 8.77
N THR A 142 -16.47 -17.66 8.65
CA THR A 142 -17.11 -18.44 9.71
C THR A 142 -16.41 -19.78 9.93
N MET A 143 -16.05 -20.46 8.84
CA MET A 143 -15.28 -21.71 8.92
C MET A 143 -13.93 -21.48 9.58
N THR A 144 -13.23 -20.44 9.15
CA THR A 144 -11.91 -20.08 9.68
C THR A 144 -11.97 -19.80 11.20
N PHE A 145 -13.07 -19.23 11.66
CA PHE A 145 -13.30 -19.03 13.10
C PHE A 145 -13.39 -20.37 13.84
N PHE A 146 -14.27 -21.24 13.37
CA PHE A 146 -14.49 -22.54 14.02
C PHE A 146 -13.24 -23.40 14.05
N LYS A 147 -12.43 -23.32 12.98
CA LYS A 147 -11.18 -24.06 12.88
C LYS A 147 -10.16 -23.61 13.94
N LYS A 148 -10.09 -22.30 14.19
CA LYS A 148 -9.11 -21.76 15.13
C LYS A 148 -9.57 -21.81 16.59
N SER A 149 -10.88 -21.93 16.79
CA SER A 149 -11.49 -21.81 18.12
C SER A 149 -11.00 -22.83 19.14
N LYS A 150 -10.88 -22.40 20.38
CA LYS A 150 -10.50 -23.26 21.49
C LYS A 150 -11.58 -23.26 22.57
N ILE A 151 -12.71 -22.61 22.26
CA ILE A 151 -13.87 -22.61 23.17
C ILE A 151 -14.58 -23.96 23.09
N SER A 152 -14.87 -24.53 24.24
CA SER A 152 -15.41 -25.89 24.38
C SER A 152 -16.48 -26.28 23.36
N THR A 153 -17.56 -25.53 23.32
CA THR A 153 -18.72 -25.87 22.48
C THR A 153 -18.46 -25.72 20.96
N TYR A 154 -17.62 -24.77 20.59
CA TYR A 154 -17.31 -24.51 19.18
C TYR A 154 -16.26 -25.48 18.60
N GLU A 155 -15.48 -26.08 19.49
CA GLU A 155 -14.53 -27.13 19.11
C GLU A 155 -15.26 -28.40 18.69
N LYS A 156 -16.30 -28.74 19.45
CA LYS A 156 -17.14 -29.92 19.18
C LYS A 156 -17.95 -29.71 17.91
N MET A 157 -18.34 -28.46 17.66
CA MET A 157 -19.08 -28.09 16.45
C MET A 157 -18.20 -28.19 15.20
N TRP A 158 -16.93 -27.84 15.35
CA TRP A 158 -15.96 -27.93 14.25
C TRP A 158 -15.68 -29.37 13.87
N ALA A 159 -15.69 -30.27 14.86
CA ALA A 159 -15.55 -31.71 14.63
C ALA A 159 -16.67 -32.23 13.72
N PHE A 160 -17.89 -31.74 13.95
CA PHE A 160 -19.06 -32.11 13.15
C PHE A 160 -18.99 -31.52 11.74
N MET A 161 -18.15 -30.51 11.55
CA MET A 161 -17.95 -29.86 10.26
C MET A 161 -16.76 -30.42 9.49
N SER A 162 -15.71 -30.81 10.21
CA SER A 162 -14.46 -31.26 9.60
C SER A 162 -14.41 -32.78 9.39
N SER A 163 -14.65 -33.55 10.45
CA SER A 163 -14.63 -35.01 10.38
C SER A 163 -15.85 -35.54 9.64
N ARG A 164 -16.98 -34.85 9.80
CA ARG A 164 -18.20 -35.12 9.06
C ARG A 164 -18.27 -34.09 7.92
N GLN A 165 -17.26 -34.12 7.06
CA GLN A 165 -17.03 -33.07 6.06
C GLN A 165 -18.08 -33.04 4.94
N GLN A 166 -18.50 -34.22 4.51
CA GLN A 166 -19.40 -34.38 3.36
C GLN A 166 -20.69 -33.56 3.49
N SER A 167 -21.59 -33.99 4.36
CA SER A 167 -22.88 -33.33 4.54
C SER A 167 -22.86 -32.24 5.61
N ALA A 168 -21.98 -31.25 5.44
CA ALA A 168 -21.84 -30.16 6.40
C ALA A 168 -21.51 -28.80 5.76
N LEU A 169 -20.39 -28.73 5.04
CA LEU A 169 -19.93 -27.48 4.42
C LEU A 169 -20.54 -27.27 3.04
N VAL A 170 -20.66 -26.00 2.65
CA VAL A 170 -21.25 -25.63 1.35
C VAL A 170 -20.30 -24.74 0.53
N LYS A 171 -20.59 -24.60 -0.76
CA LYS A 171 -19.75 -23.84 -1.69
C LYS A 171 -19.87 -22.32 -1.47
N ASN A 172 -21.11 -21.84 -1.30
CA ASN A 172 -21.38 -20.42 -1.18
C ASN A 172 -22.65 -20.10 -0.37
N SER A 173 -22.91 -18.82 -0.19
CA SER A 173 -24.13 -18.34 0.49
C SER A 173 -25.39 -18.97 -0.10
N ASP A 174 -25.54 -18.87 -1.43
CA ASP A 174 -26.72 -19.36 -2.15
C ASP A 174 -27.05 -20.84 -1.85
N GLU A 175 -26.04 -21.70 -1.90
CA GLU A 175 -26.22 -23.13 -1.63
C GLU A 175 -26.57 -23.41 -0.17
N GLY A 176 -25.98 -22.63 0.74
CA GLY A 176 -26.23 -22.77 2.18
C GLY A 176 -27.67 -22.52 2.56
N ILE A 177 -28.21 -21.43 2.04
CA ILE A 177 -29.62 -21.05 2.25
C ILE A 177 -30.54 -22.09 1.62
N GLN A 178 -30.15 -22.58 0.44
CA GLN A 178 -30.86 -23.66 -0.25
C GLN A 178 -30.94 -24.91 0.63
N ARG A 179 -29.84 -25.23 1.32
CA ARG A 179 -29.78 -26.37 2.24
C ARG A 179 -30.71 -26.23 3.45
N VAL A 180 -30.82 -25.00 3.96
CA VAL A 180 -31.68 -24.72 5.13
C VAL A 180 -33.16 -24.90 4.78
N LEU A 181 -33.55 -24.41 3.61
CA LEU A 181 -34.93 -24.47 3.15
C LEU A 181 -35.36 -25.88 2.77
N THR A 182 -34.53 -26.55 1.97
CA THR A 182 -34.88 -27.85 1.40
C THR A 182 -34.67 -29.02 2.36
N THR A 183 -33.58 -28.98 3.13
CA THR A 183 -33.26 -30.03 4.09
C THR A 183 -33.25 -29.49 5.53
N ASP A 184 -33.18 -30.40 6.51
CA ASP A 184 -33.10 -30.02 7.92
C ASP A 184 -31.68 -29.61 8.27
N TYR A 185 -31.32 -28.40 7.84
CA TYR A 185 -29.95 -27.91 7.94
C TYR A 185 -29.91 -26.52 8.56
N ALA A 186 -28.87 -26.27 9.36
CA ALA A 186 -28.63 -24.97 9.94
C ALA A 186 -27.32 -24.39 9.42
N LEU A 187 -27.37 -23.15 8.95
CA LEU A 187 -26.18 -22.50 8.41
C LEU A 187 -25.62 -21.50 9.40
N LEU A 188 -24.31 -21.59 9.63
CA LEU A 188 -23.58 -20.61 10.42
C LEU A 188 -22.91 -19.63 9.48
N MET A 189 -23.22 -18.34 9.64
CA MET A 189 -22.57 -17.29 8.87
C MET A 189 -22.76 -15.91 9.54
N GLU A 190 -22.13 -14.89 8.97
CA GLU A 190 -22.17 -13.53 9.51
C GLU A 190 -23.62 -13.04 9.65
N SER A 191 -23.94 -12.47 10.82
CA SER A 191 -25.32 -12.10 11.19
C SER A 191 -25.97 -11.09 10.25
N THR A 192 -25.15 -10.24 9.64
CA THR A 192 -25.62 -9.28 8.65
C THR A 192 -26.29 -10.00 7.48
N SER A 193 -25.60 -11.03 6.96
CA SER A 193 -26.13 -11.85 5.87
C SER A 193 -27.43 -12.54 6.30
N ILE A 194 -27.44 -13.06 7.53
CA ILE A 194 -28.62 -13.74 8.11
C ILE A 194 -29.85 -12.83 8.18
N GLU A 195 -29.68 -11.59 8.65
N GLU A 195 -29.66 -11.60 8.66
CA GLU A 195 -30.76 -10.62 8.71
CA GLU A 195 -30.72 -10.58 8.72
C GLU A 195 -31.32 -10.31 7.33
C GLU A 195 -31.30 -10.28 7.34
N TYR A 196 -30.41 -10.18 6.35
CA TYR A 196 -30.81 -9.92 4.97
C TYR A 196 -31.70 -11.04 4.42
N VAL A 197 -31.35 -12.28 4.77
CA VAL A 197 -32.10 -13.46 4.33
C VAL A 197 -33.47 -13.58 5.03
N THR A 198 -33.49 -13.40 6.35
CA THR A 198 -34.74 -13.56 7.12
C THR A 198 -35.79 -12.50 6.79
N GLN A 199 -35.34 -11.30 6.42
CA GLN A 199 -36.24 -10.25 5.92
C GLN A 199 -36.96 -10.67 4.64
N ARG A 200 -36.34 -11.58 3.89
CA ARG A 200 -36.82 -11.98 2.56
C ARG A 200 -37.43 -13.38 2.51
N ASN A 201 -37.17 -14.19 3.53
CA ASN A 201 -37.66 -15.55 3.62
C ASN A 201 -38.36 -15.76 4.96
N CYS A 202 -39.69 -15.62 4.95
CA CYS A 202 -40.47 -15.61 6.18
C CYS A 202 -40.56 -16.96 6.93
N ASN A 203 -40.10 -18.02 6.28
CA ASN A 203 -40.02 -19.34 6.93
C ASN A 203 -38.73 -19.52 7.74
N LEU A 204 -37.81 -18.58 7.60
CA LEU A 204 -36.49 -18.66 8.22
C LEU A 204 -36.28 -17.63 9.33
N THR A 205 -35.46 -17.98 10.32
CA THR A 205 -35.18 -17.11 11.45
C THR A 205 -33.71 -17.20 11.90
N GLN A 206 -33.23 -16.17 12.60
CA GLN A 206 -31.95 -16.23 13.30
C GLN A 206 -32.13 -17.04 14.58
N ILE A 207 -31.15 -17.88 14.90
CA ILE A 207 -31.18 -18.68 16.13
C ILE A 207 -30.09 -18.22 17.08
N GLY A 208 -30.49 -17.88 18.31
CA GLY A 208 -29.58 -17.43 19.34
C GLY A 208 -29.03 -16.05 19.10
N GLY A 209 -27.99 -15.69 19.84
CA GLY A 209 -27.33 -14.40 19.70
C GLY A 209 -26.10 -14.50 18.82
N LEU A 210 -25.13 -13.63 19.06
CA LEU A 210 -23.91 -13.59 18.27
C LEU A 210 -22.83 -14.47 18.88
N ILE A 211 -22.25 -15.35 18.06
CA ILE A 211 -21.20 -16.28 18.51
C ILE A 211 -19.84 -15.59 18.74
N ASP A 212 -19.47 -14.68 17.86
CA ASP A 212 -18.31 -13.82 18.10
C ASP A 212 -18.71 -12.35 17.94
N SER A 213 -17.73 -11.46 17.89
CA SER A 213 -18.04 -10.03 17.74
C SER A 213 -16.98 -9.36 16.89
N LYS A 214 -17.44 -8.65 15.85
CA LYS A 214 -16.53 -7.96 14.95
C LYS A 214 -17.27 -6.87 14.18
N GLY A 215 -16.51 -6.02 13.50
CA GLY A 215 -17.08 -4.92 12.75
C GLY A 215 -16.48 -4.77 11.36
N TYR A 216 -17.29 -4.21 10.47
CA TYR A 216 -16.83 -3.77 9.16
C TYR A 216 -16.33 -2.34 9.29
N GLY A 217 -15.13 -2.06 8.79
CA GLY A 217 -14.61 -0.70 8.79
C GLY A 217 -14.12 -0.26 7.42
N VAL A 218 -13.87 1.03 7.28
CA VAL A 218 -13.29 1.52 6.03
C VAL A 218 -11.77 1.33 6.11
N GLY A 219 -11.20 0.62 5.13
CA GLY A 219 -9.76 0.35 5.11
C GLY A 219 -9.03 1.51 4.44
N THR A 220 -7.81 1.78 4.91
CA THR A 220 -6.93 2.79 4.31
C THR A 220 -5.49 2.25 4.39
N PRO A 221 -4.58 2.80 3.58
N PRO A 221 -4.58 2.84 3.60
CA PRO A 221 -3.19 2.45 3.83
CA PRO A 221 -3.18 2.49 3.84
C PRO A 221 -2.75 2.93 5.22
C PRO A 221 -2.75 2.94 5.23
N ILE A 222 -1.73 2.29 5.78
CA ILE A 222 -1.21 2.66 7.09
C ILE A 222 -0.79 4.13 7.03
N GLY A 223 -1.22 4.90 8.01
CA GLY A 223 -0.86 6.33 8.09
C GLY A 223 -1.77 7.28 7.32
N SER A 224 -2.78 6.76 6.63
CA SER A 224 -3.67 7.63 5.85
C SER A 224 -4.31 8.71 6.73
N PRO A 225 -4.29 9.98 6.26
CA PRO A 225 -4.92 11.07 7.00
C PRO A 225 -6.42 11.07 6.89
N TYR A 226 -7.00 10.14 6.13
CA TYR A 226 -8.46 10.01 6.02
C TYR A 226 -9.09 9.11 7.09
N ARG A 227 -8.30 8.24 7.71
CA ARG A 227 -8.86 7.21 8.59
C ARG A 227 -9.66 7.81 9.75
N ASP A 228 -9.01 8.71 10.51
CA ASP A 228 -9.68 9.28 11.66
C ASP A 228 -10.84 10.18 11.24
N LYS A 229 -10.71 10.86 10.10
CA LYS A 229 -11.81 11.70 9.59
C LYS A 229 -13.03 10.84 9.26
N ILE A 230 -12.77 9.67 8.71
CA ILE A 230 -13.84 8.73 8.39
C ILE A 230 -14.52 8.17 9.65
N THR A 231 -13.73 7.86 10.68
CA THR A 231 -14.28 7.49 11.97
C THR A 231 -15.26 8.57 12.46
N ILE A 232 -14.81 9.83 12.43
CA ILE A 232 -15.66 10.96 12.87
C ILE A 232 -16.96 11.05 12.08
N ALA A 233 -16.86 10.89 10.76
CA ALA A 233 -18.04 10.93 9.90
C ALA A 233 -19.00 9.78 10.24
N ILE A 234 -18.42 8.59 10.44
CA ILE A 234 -19.22 7.41 10.83
C ILE A 234 -19.96 7.65 12.14
N LEU A 235 -19.27 8.20 13.14
CA LEU A 235 -19.91 8.48 14.43
C LEU A 235 -21.05 9.49 14.27
N GLN A 236 -20.83 10.54 13.48
CA GLN A 236 -21.89 11.51 13.17
C GLN A 236 -23.11 10.84 12.52
N LEU A 237 -22.87 10.02 11.49
CA LEU A 237 -23.93 9.28 10.82
C LEU A 237 -24.68 8.34 11.77
N GLN A 238 -23.97 7.68 12.68
CA GLN A 238 -24.62 6.79 13.64
C GLN A 238 -25.53 7.59 14.55
N GLU A 239 -24.97 8.63 15.14
CA GLU A 239 -25.68 9.42 16.13
C GLU A 239 -26.90 10.16 15.56
N GLU A 240 -26.81 10.59 14.30
N GLU A 240 -26.80 10.56 14.29
CA GLU A 240 -27.96 11.26 13.68
CA GLU A 240 -27.88 11.25 13.60
C GLU A 240 -28.91 10.30 12.98
C GLU A 240 -28.99 10.31 13.12
N GLY A 241 -28.76 9.01 13.27
CA GLY A 241 -29.71 7.97 12.86
C GLY A 241 -29.61 7.56 11.41
N LYS A 242 -28.57 8.04 10.73
CA LYS A 242 -28.44 7.83 9.30
C LYS A 242 -27.95 6.44 8.94
N LEU A 243 -27.05 5.87 9.75
CA LEU A 243 -26.65 4.48 9.55
C LEU A 243 -27.84 3.53 9.73
N HIS A 244 -28.70 3.82 10.69
CA HIS A 244 -29.92 3.03 10.91
C HIS A 244 -30.80 3.08 9.66
N MET A 245 -31.03 4.27 9.13
N MET A 245 -31.03 4.27 9.13
CA MET A 245 -31.91 4.43 7.99
CA MET A 245 -31.93 4.41 7.98
C MET A 245 -31.31 3.80 6.73
C MET A 245 -31.32 3.85 6.69
N MET A 246 -29.99 3.93 6.57
CA MET A 246 -29.30 3.29 5.44
C MET A 246 -29.39 1.77 5.53
N LYS A 247 -29.26 1.22 6.74
CA LYS A 247 -29.43 -0.21 6.96
C LYS A 247 -30.86 -0.65 6.62
N GLU A 248 -31.83 0.11 7.12
CA GLU A 248 -33.25 -0.14 6.83
C GLU A 248 -33.56 -0.11 5.33
N LYS A 249 -33.04 0.91 4.64
CA LYS A 249 -33.19 1.03 3.19
C LYS A 249 -32.87 -0.27 2.45
N TRP A 250 -31.77 -0.91 2.81
CA TRP A 250 -31.23 -2.04 2.06
C TRP A 250 -31.64 -3.42 2.59
N TRP A 251 -31.90 -3.51 3.90
CA TRP A 251 -32.19 -4.79 4.53
C TRP A 251 -33.68 -5.16 4.60
N ARG A 252 -34.54 -4.17 4.79
CA ARG A 252 -35.97 -4.45 5.02
C ARG A 252 -36.64 -5.13 3.82
N GLY A 253 -37.41 -6.18 4.10
CA GLY A 253 -38.06 -6.97 3.07
C GLY A 253 -39.53 -6.60 2.88
N ASN A 254 -40.29 -7.55 2.32
CA ASN A 254 -41.71 -7.35 2.05
C ASN A 254 -42.58 -7.41 3.30
N ARG B 4 21.71 -18.00 6.51
CA ARG B 4 22.28 -16.62 6.59
C ARG B 4 21.20 -15.57 6.41
N THR B 5 20.83 -14.91 7.50
CA THR B 5 19.96 -13.73 7.41
C THR B 5 20.84 -12.57 6.98
N LEU B 6 20.55 -12.04 5.80
CA LEU B 6 21.34 -10.97 5.23
C LEU B 6 21.11 -9.66 5.95
N ILE B 7 22.20 -8.97 6.28
N ILE B 7 22.20 -8.97 6.28
CA ILE B 7 22.10 -7.61 6.81
CA ILE B 7 22.11 -7.61 6.81
C ILE B 7 22.09 -6.63 5.64
C ILE B 7 22.09 -6.64 5.63
N VAL B 8 21.05 -5.81 5.58
CA VAL B 8 20.88 -4.87 4.49
C VAL B 8 21.08 -3.46 5.01
N THR B 9 22.11 -2.81 4.51
CA THR B 9 22.31 -1.40 4.85
C THR B 9 21.45 -0.54 3.92
N THR B 10 20.87 0.53 4.47
CA THR B 10 20.13 1.47 3.66
C THR B 10 20.17 2.84 4.35
N ILE B 11 19.46 3.81 3.79
CA ILE B 11 19.54 5.19 4.24
C ILE B 11 18.16 5.82 4.18
N LEU B 12 17.83 6.66 5.16
CA LEU B 12 16.56 7.40 5.12
C LEU B 12 16.56 8.38 3.96
N GLU B 13 15.63 8.21 3.03
CA GLU B 13 15.55 9.06 1.84
C GLU B 13 14.17 8.91 1.20
N GLU B 14 13.37 9.98 1.20
CA GLU B 14 12.04 9.95 0.62
C GLU B 14 12.12 9.87 -0.91
N PRO B 15 11.33 8.97 -1.54
CA PRO B 15 10.40 7.98 -1.01
C PRO B 15 10.97 6.57 -0.96
N TYR B 16 12.30 6.45 -0.91
CA TYR B 16 12.94 5.12 -0.95
C TYR B 16 12.86 4.36 0.35
N VAL B 17 13.12 5.06 1.44
CA VAL B 17 13.13 4.46 2.79
C VAL B 17 12.64 5.50 3.77
N MET B 18 11.55 5.18 4.45
N MET B 18 11.58 5.16 4.47
CA MET B 18 10.98 6.06 5.48
CA MET B 18 10.95 6.05 5.45
C MET B 18 10.47 5.22 6.63
C MET B 18 10.43 5.23 6.62
N TYR B 19 10.40 5.83 7.82
CA TYR B 19 9.71 5.22 8.94
C TYR B 19 8.21 5.29 8.61
N ARG B 20 7.51 4.19 8.84
CA ARG B 20 6.04 4.17 8.61
C ARG B 20 5.39 5.15 9.58
N LYS B 21 4.38 5.88 9.11
CA LYS B 21 3.64 6.83 9.95
C LYS B 21 2.64 6.03 10.76
N SER B 22 3.14 5.38 11.81
CA SER B 22 2.31 4.50 12.63
C SER B 22 2.91 4.34 14.03
N ASP B 23 2.02 4.26 15.03
CA ASP B 23 2.39 3.88 16.39
C ASP B 23 1.97 2.44 16.71
N LYS B 24 1.57 1.70 15.68
CA LYS B 24 1.25 0.27 15.84
C LYS B 24 2.53 -0.50 16.23
N PRO B 25 2.38 -1.70 16.83
CA PRO B 25 3.59 -2.43 17.23
C PRO B 25 4.27 -3.00 16.00
N LEU B 26 5.26 -2.26 15.51
CA LEU B 26 5.99 -2.64 14.30
C LEU B 26 7.44 -2.80 14.72
N TYR B 27 8.05 -3.92 14.34
CA TYR B 27 9.41 -4.20 14.77
C TYR B 27 10.25 -4.55 13.55
N GLY B 28 11.56 -4.42 13.71
CA GLY B 28 12.49 -4.83 12.66
C GLY B 28 12.18 -4.16 11.34
N ASN B 29 12.12 -4.96 10.27
CA ASN B 29 11.85 -4.44 8.95
C ASN B 29 10.51 -3.74 8.81
N ASP B 30 9.56 -4.10 9.66
CA ASP B 30 8.19 -3.61 9.57
C ASP B 30 8.06 -2.13 9.96
N ARG B 31 9.13 -1.59 10.58
CA ARG B 31 9.18 -0.18 10.95
C ARG B 31 9.28 0.73 9.73
N PHE B 32 9.66 0.16 8.60
CA PHE B 32 10.03 0.92 7.39
C PHE B 32 9.09 0.70 6.23
N GLU B 33 9.05 1.68 5.33
CA GLU B 33 8.31 1.60 4.08
C GLU B 33 9.05 2.38 3.01
N GLY B 34 8.66 2.20 1.75
CA GLY B 34 9.31 2.94 0.68
C GLY B 34 9.65 2.07 -0.52
N TYR B 35 10.01 2.73 -1.61
CA TYR B 35 10.41 2.03 -2.83
C TYR B 35 11.43 0.93 -2.57
N CYS B 36 12.45 1.25 -1.77
CA CYS B 36 13.53 0.29 -1.54
C CYS B 36 13.10 -0.87 -0.64
N LEU B 37 12.13 -0.61 0.24
CA LEU B 37 11.58 -1.70 1.04
C LEU B 37 10.77 -2.65 0.16
N ASP B 38 10.00 -2.08 -0.77
CA ASP B 38 9.25 -2.91 -1.70
C ASP B 38 10.19 -3.71 -2.59
N LEU B 39 11.25 -3.06 -3.07
CA LEU B 39 12.24 -3.74 -3.92
C LEU B 39 12.90 -4.89 -3.16
N LEU B 40 13.30 -4.61 -1.94
CA LEU B 40 13.97 -5.60 -1.09
C LEU B 40 13.05 -6.79 -0.86
N LYS B 41 11.77 -6.53 -0.61
CA LYS B 41 10.81 -7.62 -0.44
C LYS B 41 10.74 -8.51 -1.69
N GLU B 42 10.67 -7.88 -2.87
CA GLU B 42 10.66 -8.62 -4.12
C GLU B 42 11.92 -9.42 -4.34
N LEU B 43 13.07 -8.79 -4.05
CA LEU B 43 14.35 -9.49 -4.18
C LEU B 43 14.38 -10.72 -3.26
N SER B 44 13.88 -10.53 -2.03
N SER B 44 13.94 -10.54 -2.01
CA SER B 44 13.85 -11.58 -0.99
CA SER B 44 13.91 -11.62 -1.05
C SER B 44 12.94 -12.73 -1.36
C SER B 44 13.05 -12.77 -1.56
N ASN B 45 11.88 -12.44 -2.11
CA ASN B 45 10.97 -13.46 -2.62
C ASN B 45 11.46 -14.19 -3.89
N ILE B 46 12.22 -13.48 -4.74
CA ILE B 46 12.79 -14.11 -5.92
C ILE B 46 13.98 -14.99 -5.56
N LEU B 47 14.90 -14.46 -4.75
CA LEU B 47 16.13 -15.17 -4.40
C LEU B 47 15.97 -16.14 -3.24
N GLY B 48 15.00 -15.85 -2.37
CA GLY B 48 14.71 -16.67 -1.20
C GLY B 48 15.69 -16.42 -0.06
N PHE B 49 15.80 -15.18 0.39
CA PHE B 49 16.63 -14.88 1.56
C PHE B 49 15.87 -14.18 2.67
N LEU B 50 16.34 -14.38 3.89
CA LEU B 50 15.85 -13.62 5.04
C LEU B 50 16.74 -12.41 5.17
N TYR B 51 16.20 -11.32 5.70
CA TYR B 51 16.99 -10.10 5.82
C TYR B 51 16.60 -9.24 7.02
N ASP B 52 17.54 -8.37 7.39
CA ASP B 52 17.43 -7.49 8.53
C ASP B 52 17.91 -6.13 8.05
N VAL B 53 16.99 -5.17 7.95
CA VAL B 53 17.33 -3.82 7.51
C VAL B 53 18.00 -3.06 8.65
N LYS B 54 19.16 -2.47 8.38
N LYS B 54 19.17 -2.50 8.38
CA LYS B 54 19.87 -1.66 9.34
CA LYS B 54 19.87 -1.65 9.32
C LYS B 54 20.28 -0.33 8.72
C LYS B 54 20.19 -0.32 8.64
N LEU B 55 19.69 0.77 9.23
CA LEU B 55 20.00 2.11 8.72
C LEU B 55 21.49 2.40 8.92
N VAL B 56 22.15 2.94 7.90
CA VAL B 56 23.58 3.25 8.01
C VAL B 56 23.81 4.25 9.16
N PRO B 57 24.62 3.86 10.16
CA PRO B 57 24.82 4.68 11.37
C PRO B 57 25.21 6.15 11.11
N ASP B 58 26.10 6.40 10.16
CA ASP B 58 26.54 7.78 9.90
C ASP B 58 25.62 8.56 8.94
N GLY B 59 24.58 7.89 8.46
CA GLY B 59 23.60 8.50 7.57
C GLY B 59 24.16 8.97 6.24
N LYS B 60 25.24 8.36 5.77
CA LYS B 60 25.89 8.79 4.53
C LYS B 60 25.84 7.72 3.45
N TYR B 61 25.88 8.16 2.19
CA TYR B 61 25.86 7.23 1.04
C TYR B 61 27.18 6.50 0.93
N GLY B 62 28.28 7.26 0.87
CA GLY B 62 29.59 6.66 0.77
C GLY B 62 30.56 7.43 -0.10
N ALA B 63 31.52 8.07 0.55
CA ALA B 63 32.57 8.85 -0.09
C ALA B 63 33.91 8.54 0.59
N GLN B 64 34.98 8.95 -0.09
N GLN B 64 35.01 8.85 -0.09
CA GLN B 64 36.35 8.66 0.33
CA GLN B 64 36.33 8.54 0.48
C GLN B 64 37.01 9.92 0.89
C GLN B 64 37.26 9.73 0.66
N ASN B 65 38.00 9.72 1.76
CA ASN B 65 38.95 10.79 2.12
C ASN B 65 40.35 10.51 1.56
N ASP B 66 41.29 11.41 1.85
CA ASP B 66 42.64 11.37 1.28
C ASP B 66 43.38 10.05 1.56
N LYS B 67 43.11 9.45 2.71
CA LYS B 67 43.75 8.20 3.13
C LYS B 67 43.11 6.95 2.55
N GLY B 68 42.14 7.16 1.65
CA GLY B 68 41.43 6.05 1.01
C GLY B 68 40.41 5.41 1.93
N GLU B 69 40.01 6.15 2.96
CA GLU B 69 39.05 5.66 3.94
C GLU B 69 37.62 6.01 3.53
N TRP B 70 36.74 5.02 3.58
CA TRP B 70 35.36 5.20 3.15
C TRP B 70 34.41 5.41 4.31
N ASN B 71 33.26 5.99 4.01
CA ASN B 71 32.20 6.15 5.00
C ASN B 71 30.89 5.59 4.47
N GLY B 72 29.80 5.79 5.20
CA GLY B 72 28.47 5.47 4.70
C GLY B 72 28.22 4.00 4.39
N MET B 73 27.27 3.75 3.51
CA MET B 73 26.89 2.37 3.15
C MET B 73 28.03 1.60 2.52
N VAL B 74 28.84 2.30 1.73
CA VAL B 74 29.99 1.70 1.07
C VAL B 74 30.94 1.14 2.14
N LYS B 75 31.18 1.91 3.21
CA LYS B 75 32.02 1.43 4.30
C LYS B 75 31.44 0.18 4.98
N GLU B 76 30.12 0.15 5.18
CA GLU B 76 29.48 -0.99 5.82
C GLU B 76 29.73 -2.27 5.02
N LEU B 77 29.67 -2.14 3.69
CA LEU B 77 29.93 -3.28 2.82
C LEU B 77 31.39 -3.72 2.88
N ILE B 78 32.30 -2.74 2.81
CA ILE B 78 33.75 -3.04 2.83
C ILE B 78 34.10 -3.79 4.12
N ASP B 79 33.48 -3.37 5.22
CA ASP B 79 33.75 -3.92 6.55
C ASP B 79 33.00 -5.22 6.81
N HIS B 80 32.22 -5.67 5.83
CA HIS B 80 31.39 -6.87 5.97
C HIS B 80 30.39 -6.76 7.13
N ARG B 81 29.93 -5.54 7.42
CA ARG B 81 28.87 -5.31 8.39
C ARG B 81 27.49 -5.24 7.74
N ALA B 82 27.48 -5.34 6.41
CA ALA B 82 26.24 -5.49 5.66
C ALA B 82 26.53 -6.39 4.48
N ASP B 83 25.54 -7.20 4.10
CA ASP B 83 25.64 -8.06 2.92
C ASP B 83 25.20 -7.37 1.64
N LEU B 84 24.19 -6.52 1.74
CA LEU B 84 23.67 -5.75 0.62
C LEU B 84 23.46 -4.31 1.05
N ALA B 85 23.61 -3.39 0.10
CA ALA B 85 23.13 -2.02 0.24
C ALA B 85 21.97 -1.83 -0.73
N VAL B 86 20.75 -1.71 -0.22
CA VAL B 86 19.59 -1.51 -1.08
C VAL B 86 19.09 -0.10 -0.81
N ALA B 87 19.47 0.81 -1.70
CA ALA B 87 19.33 2.23 -1.49
C ALA B 87 19.49 2.90 -2.86
N PRO B 88 19.12 4.19 -2.98
CA PRO B 88 19.43 4.94 -4.19
C PRO B 88 20.93 5.29 -4.25
N LEU B 89 21.74 4.25 -4.43
CA LEU B 89 23.19 4.35 -4.39
C LEU B 89 23.73 4.28 -5.80
N THR B 90 24.35 5.36 -6.27
CA THR B 90 24.80 5.43 -7.66
C THR B 90 25.99 4.53 -7.92
N ILE B 91 25.90 3.77 -9.00
CA ILE B 91 27.00 2.98 -9.51
C ILE B 91 28.05 3.92 -10.11
N THR B 92 29.23 3.97 -9.50
CA THR B 92 30.32 4.84 -9.98
C THR B 92 31.64 4.09 -10.08
N TYR B 93 32.52 4.61 -10.92
CA TYR B 93 33.87 4.08 -11.13
C TYR B 93 34.63 3.91 -9.82
N VAL B 94 34.65 4.96 -9.00
CA VAL B 94 35.41 4.94 -7.75
C VAL B 94 34.86 3.88 -6.78
N ARG B 95 33.53 3.77 -6.69
CA ARG B 95 32.93 2.79 -5.81
C ARG B 95 33.14 1.35 -6.27
N GLU B 96 33.13 1.13 -7.59
CA GLU B 96 33.40 -0.21 -8.16
C GLU B 96 34.81 -0.72 -7.85
N LYS B 97 35.71 0.20 -7.47
CA LYS B 97 37.05 -0.18 -7.00
C LYS B 97 36.99 -0.97 -5.69
N VAL B 98 35.94 -0.76 -4.91
CA VAL B 98 35.91 -1.26 -3.52
C VAL B 98 34.70 -2.14 -3.14
N ILE B 99 33.64 -2.05 -3.94
CA ILE B 99 32.45 -2.90 -3.79
C ILE B 99 31.96 -3.32 -5.18
N ASP B 100 31.07 -4.31 -5.22
CA ASP B 100 30.40 -4.70 -6.47
C ASP B 100 28.98 -4.12 -6.46
N PHE B 101 28.34 -4.07 -7.62
CA PHE B 101 26.98 -3.55 -7.74
C PHE B 101 26.21 -4.47 -8.68
N SER B 102 24.94 -4.71 -8.35
CA SER B 102 24.02 -5.23 -9.36
C SER B 102 23.90 -4.25 -10.53
N LYS B 103 23.39 -4.73 -11.66
CA LYS B 103 22.95 -3.83 -12.71
C LYS B 103 21.86 -2.89 -12.16
N PRO B 104 21.68 -1.70 -12.77
CA PRO B 104 20.81 -0.71 -12.11
C PRO B 104 19.32 -1.08 -12.06
N PHE B 105 18.66 -0.77 -10.94
CA PHE B 105 17.21 -0.94 -10.86
C PHE B 105 16.49 0.35 -11.26
N MET B 106 17.25 1.44 -11.38
CA MET B 106 16.70 2.71 -11.80
C MET B 106 17.80 3.50 -12.48
N THR B 107 17.47 4.14 -13.59
CA THR B 107 18.44 4.96 -14.31
C THR B 107 17.93 6.39 -14.31
N LEU B 108 18.88 7.33 -14.39
CA LEU B 108 18.59 8.72 -14.13
C LEU B 108 19.71 9.59 -14.68
N GLY B 109 19.62 10.88 -14.40
CA GLY B 109 20.66 11.83 -14.78
C GLY B 109 20.36 13.16 -14.14
N ILE B 110 21.35 14.04 -14.16
CA ILE B 110 21.14 15.42 -13.72
C ILE B 110 20.17 16.10 -14.68
N SER B 111 19.21 16.85 -14.13
CA SER B 111 18.31 17.66 -14.92
C SER B 111 17.97 18.96 -14.19
N ILE B 112 17.02 19.72 -14.73
CA ILE B 112 16.70 21.06 -14.23
C ILE B 112 15.30 21.12 -13.62
N LEU B 113 15.21 21.70 -12.43
CA LEU B 113 13.94 21.99 -11.78
C LEU B 113 13.65 23.49 -11.87
N TYR B 114 12.59 23.84 -12.58
CA TYR B 114 12.25 25.24 -12.83
C TYR B 114 10.74 25.43 -13.00
N ARG B 115 10.31 26.68 -13.10
CA ARG B 115 8.90 27.01 -13.26
C ARG B 115 8.37 26.64 -14.65
N LYS B 116 7.05 26.44 -14.74
CA LYS B 116 6.37 26.25 -16.02
C LYS B 116 6.20 27.58 -16.75
N GLY B 117 6.16 27.51 -18.08
CA GLY B 117 5.81 28.66 -18.93
C GLY B 117 6.92 29.64 -19.24
N THR B 118 8.14 29.13 -19.42
CA THR B 118 9.29 29.96 -19.78
C THR B 118 9.91 29.49 -21.10
N PRO B 119 10.59 30.40 -21.83
CA PRO B 119 11.29 30.01 -23.06
C PRO B 119 12.45 29.02 -22.87
N ILE B 120 12.87 28.83 -21.62
CA ILE B 120 13.99 27.91 -21.30
C ILE B 120 13.62 26.45 -21.57
N ASP B 121 14.51 25.77 -22.29
CA ASP B 121 14.27 24.41 -22.77
C ASP B 121 15.49 23.50 -22.55
N SER B 122 16.55 24.04 -21.97
CA SER B 122 17.80 23.32 -21.76
C SER B 122 18.75 24.05 -20.80
N ALA B 123 19.83 23.37 -20.43
CA ALA B 123 20.91 23.95 -19.62
C ALA B 123 21.68 24.99 -20.43
N ASP B 124 21.67 24.81 -21.75
CA ASP B 124 22.32 25.72 -22.68
C ASP B 124 21.64 27.09 -22.69
N ASP B 125 20.34 27.10 -22.38
CA ASP B 125 19.58 28.34 -22.23
C ASP B 125 19.95 29.05 -20.93
N LEU B 126 20.11 28.28 -19.85
CA LEU B 126 20.50 28.83 -18.55
C LEU B 126 21.93 29.35 -18.54
N ALA B 127 22.82 28.66 -19.28
CA ALA B 127 24.23 28.99 -19.33
C ALA B 127 24.48 30.37 -19.92
N LYS B 128 23.96 30.60 -21.13
CA LYS B 128 24.20 31.85 -21.87
C LYS B 128 23.45 33.07 -21.33
N GLN B 129 22.41 32.84 -20.53
CA GLN B 129 21.69 33.95 -19.87
C GLN B 129 22.23 34.20 -18.45
N THR B 130 21.85 35.32 -17.86
CA THR B 130 22.38 35.71 -16.55
C THR B 130 21.35 36.14 -15.49
N LYS B 131 20.15 36.52 -15.94
CA LYS B 131 19.12 37.07 -15.05
C LYS B 131 18.42 36.02 -14.17
N ILE B 132 18.40 34.77 -14.64
CA ILE B 132 17.85 33.66 -13.89
C ILE B 132 18.98 32.94 -13.16
N GLU B 133 18.88 32.87 -11.84
CA GLU B 133 19.88 32.24 -10.98
C GLU B 133 19.75 30.73 -11.03
N TYR B 134 20.88 30.03 -10.99
CA TYR B 134 20.89 28.56 -11.02
C TYR B 134 22.08 27.95 -10.29
N GLY B 135 21.85 26.83 -9.62
CA GLY B 135 22.89 26.14 -8.86
C GLY B 135 22.51 24.75 -8.42
N ALA B 136 23.14 24.28 -7.34
CA ALA B 136 22.91 22.95 -6.80
C ALA B 136 23.14 22.91 -5.29
N VAL B 137 22.97 21.73 -4.71
CA VAL B 137 23.26 21.51 -3.30
C VAL B 137 24.78 21.39 -3.09
N ARG B 138 25.27 22.01 -2.02
CA ARG B 138 26.70 22.03 -1.70
C ARG B 138 27.24 20.63 -1.40
N ASP B 139 28.41 20.34 -1.96
CA ASP B 139 29.12 19.07 -1.75
C ASP B 139 28.31 17.83 -2.13
N GLY B 140 27.26 18.03 -2.94
CA GLY B 140 26.42 16.93 -3.40
C GLY B 140 26.94 16.33 -4.71
N SER B 141 26.24 15.31 -5.18
CA SER B 141 26.61 14.62 -6.41
C SER B 141 26.60 15.56 -7.63
N THR B 142 25.56 16.37 -7.75
CA THR B 142 25.39 17.26 -8.90
C THR B 142 26.48 18.34 -8.94
N MET B 143 26.82 18.90 -7.77
CA MET B 143 27.91 19.86 -7.66
C MET B 143 29.25 19.24 -8.06
N THR B 144 29.52 18.05 -7.53
CA THR B 144 30.78 17.34 -7.80
C THR B 144 30.95 17.02 -9.30
N PHE B 145 29.83 16.79 -9.99
CA PHE B 145 29.84 16.60 -11.45
C PHE B 145 30.29 17.88 -12.16
N PHE B 146 29.63 18.99 -11.85
CA PHE B 146 29.92 20.28 -12.48
C PHE B 146 31.33 20.76 -12.19
N LYS B 147 31.82 20.46 -10.99
CA LYS B 147 33.17 20.82 -10.56
C LYS B 147 34.24 20.05 -11.34
N LYS B 148 33.93 18.82 -11.72
CA LYS B 148 34.89 17.96 -12.42
C LYS B 148 34.78 18.04 -13.95
N SER B 149 33.66 18.55 -14.45
CA SER B 149 33.35 18.53 -15.88
C SER B 149 34.32 19.32 -16.75
N LYS B 150 34.56 18.81 -17.95
CA LYS B 150 35.39 19.48 -18.95
C LYS B 150 34.60 19.77 -20.22
N ILE B 151 33.29 19.52 -20.17
CA ILE B 151 32.39 19.85 -21.28
C ILE B 151 32.13 21.36 -21.28
N SER B 152 32.20 21.95 -22.48
CA SER B 152 32.14 23.41 -22.68
C SER B 152 31.05 24.12 -21.89
N THR B 153 29.80 23.71 -22.07
CA THR B 153 28.65 24.41 -21.49
C THR B 153 28.55 24.26 -19.96
N TYR B 154 29.02 23.12 -19.43
CA TYR B 154 28.94 22.85 -17.99
C TYR B 154 30.11 23.46 -17.21
N GLU B 155 31.21 23.74 -17.91
CA GLU B 155 32.34 24.48 -17.33
C GLU B 155 31.94 25.94 -17.08
N LYS B 156 31.19 26.51 -18.02
CA LYS B 156 30.70 27.87 -17.93
C LYS B 156 29.60 27.97 -16.87
N MET B 157 28.85 26.88 -16.71
CA MET B 157 27.82 26.80 -15.68
C MET B 157 28.41 26.70 -14.29
N TRP B 158 29.51 25.95 -14.17
CA TRP B 158 30.20 25.80 -12.89
C TRP B 158 30.85 27.09 -12.43
N ALA B 159 31.37 27.86 -13.38
CA ALA B 159 31.93 29.18 -13.10
C ALA B 159 30.89 30.06 -12.40
N PHE B 160 29.68 30.07 -12.94
CA PHE B 160 28.57 30.83 -12.37
C PHE B 160 28.19 30.34 -10.97
N MET B 161 28.29 29.03 -10.76
CA MET B 161 27.94 28.41 -9.48
C MET B 161 28.97 28.67 -8.38
N SER B 162 30.25 28.64 -8.76
CA SER B 162 31.36 28.74 -7.79
C SER B 162 31.81 30.17 -7.52
N SER B 163 31.89 30.99 -8.58
CA SER B 163 32.30 32.38 -8.45
C SER B 163 31.23 33.20 -7.74
N ARG B 164 29.98 32.86 -7.97
CA ARG B 164 28.85 33.43 -7.24
C ARG B 164 28.23 32.34 -6.34
N GLN B 165 29.10 31.66 -5.60
CA GLN B 165 28.74 30.51 -4.75
C GLN B 165 27.60 30.81 -3.77
N GLN B 166 27.70 31.96 -3.11
CA GLN B 166 26.77 32.38 -2.06
C GLN B 166 25.30 32.37 -2.49
N SER B 167 24.98 33.04 -3.58
CA SER B 167 23.60 33.15 -4.05
C SER B 167 23.18 32.11 -5.10
N ALA B 168 24.04 31.12 -5.32
CA ALA B 168 23.77 30.07 -6.31
C ALA B 168 23.58 28.67 -5.69
N LEU B 169 24.49 28.29 -4.80
CA LEU B 169 24.44 26.97 -4.16
C LEU B 169 23.58 26.98 -2.89
N VAL B 170 22.98 25.84 -2.58
CA VAL B 170 22.10 25.71 -1.41
C VAL B 170 22.56 24.59 -0.45
N LYS B 171 21.95 24.54 0.73
CA LYS B 171 22.36 23.61 1.77
C LYS B 171 21.80 22.19 1.57
N ASN B 172 20.53 22.11 1.17
CA ASN B 172 19.85 20.82 0.99
C ASN B 172 18.75 20.84 -0.08
N SER B 173 18.17 19.68 -0.33
CA SER B 173 17.04 19.54 -1.25
C SER B 173 15.90 20.51 -0.91
N ASP B 174 15.52 20.54 0.38
CA ASP B 174 14.43 21.40 0.86
C ASP B 174 14.62 22.88 0.55
N GLU B 175 15.82 23.40 0.80
CA GLU B 175 16.14 24.81 0.53
C GLU B 175 16.16 25.11 -0.96
N GLY B 176 16.60 24.14 -1.75
CA GLY B 176 16.69 24.30 -3.21
C GLY B 176 15.35 24.49 -3.87
N ILE B 177 14.39 23.62 -3.50
CA ILE B 177 13.02 23.68 -4.02
C ILE B 177 12.33 24.96 -3.53
N GLN B 178 12.66 25.36 -2.29
CA GLN B 178 12.15 26.59 -1.69
C GLN B 178 12.50 27.82 -2.56
N ARG B 179 13.71 27.82 -3.10
CA ARG B 179 14.18 28.94 -3.93
C ARG B 179 13.60 28.96 -5.34
N VAL B 180 13.27 27.78 -5.88
CA VAL B 180 12.65 27.69 -7.21
C VAL B 180 11.24 28.27 -7.18
N LEU B 181 10.50 27.96 -6.13
CA LEU B 181 9.13 28.46 -5.95
C LEU B 181 9.10 29.96 -5.67
N THR B 182 9.85 30.39 -4.65
CA THR B 182 9.78 31.78 -4.16
C THR B 182 10.53 32.78 -5.04
N THR B 183 11.71 32.39 -5.52
CA THR B 183 12.53 33.27 -6.36
C THR B 183 12.67 32.73 -7.78
N ASP B 184 13.23 33.54 -8.68
CA ASP B 184 13.48 33.12 -10.05
C ASP B 184 14.77 32.30 -10.12
N TYR B 185 14.65 31.04 -9.70
CA TYR B 185 15.82 30.17 -9.51
C TYR B 185 15.56 28.79 -10.12
N ALA B 186 16.61 28.23 -10.72
CA ALA B 186 16.55 26.88 -11.27
C ALA B 186 17.51 25.95 -10.52
N LEU B 187 16.98 24.80 -10.10
CA LEU B 187 17.78 23.84 -9.35
C LEU B 187 18.24 22.69 -10.23
N LEU B 188 19.53 22.39 -10.14
CA LEU B 188 20.10 21.22 -10.81
C LEU B 188 20.27 20.10 -9.79
N MET B 189 19.62 18.97 -10.04
CA MET B 189 19.82 17.76 -9.24
C MET B 189 19.36 16.51 -9.97
N GLU B 190 19.50 15.36 -9.30
CA GLU B 190 19.18 14.05 -9.88
C GLU B 190 17.70 14.02 -10.30
N SER B 191 17.45 13.56 -11.54
CA SER B 191 16.13 13.61 -12.18
C SER B 191 15.04 12.84 -11.42
N THR B 192 15.44 11.81 -10.69
CA THR B 192 14.53 11.06 -9.83
C THR B 192 13.88 11.98 -8.79
N SER B 193 14.71 12.77 -8.12
CA SER B 193 14.26 13.75 -7.14
C SER B 193 13.36 14.81 -7.78
N ILE B 194 13.72 15.26 -8.98
CA ILE B 194 12.95 16.26 -9.72
C ILE B 194 11.54 15.76 -10.08
N GLU B 195 11.43 14.52 -10.56
CA GLU B 195 10.15 13.90 -10.87
C GLU B 195 9.27 13.80 -9.63
N TYR B 196 9.88 13.43 -8.51
CA TYR B 196 9.17 13.32 -7.24
C TYR B 196 8.55 14.66 -6.83
N VAL B 197 9.31 15.74 -7.07
CA VAL B 197 8.87 17.10 -6.72
C VAL B 197 7.76 17.60 -7.66
N THR B 198 7.93 17.40 -8.97
CA THR B 198 6.97 17.92 -9.95
C THR B 198 5.60 17.24 -9.89
N GLN B 199 5.58 15.97 -9.49
CA GLN B 199 4.32 15.27 -9.22
C GLN B 199 3.53 15.92 -8.07
N ARG B 200 4.25 16.56 -7.16
CA ARG B 200 3.65 17.15 -5.95
C ARG B 200 3.50 18.67 -6.01
N ASN B 201 4.15 19.29 -7.00
CA ASN B 201 4.12 20.74 -7.18
C ASN B 201 3.80 21.06 -8.63
N CYS B 202 2.52 21.36 -8.89
CA CYS B 202 2.01 21.55 -10.25
C CYS B 202 2.50 22.82 -10.95
N ASN B 203 3.08 23.74 -10.18
CA ASN B 203 3.69 24.95 -10.75
C ASN B 203 5.11 24.71 -11.27
N LEU B 204 5.71 23.60 -10.86
CA LEU B 204 7.09 23.27 -11.21
C LEU B 204 7.20 22.18 -12.28
N THR B 205 8.26 22.25 -13.08
CA THR B 205 8.48 21.28 -14.17
C THR B 205 9.96 20.92 -14.35
N GLN B 206 10.23 19.77 -14.98
CA GLN B 206 11.57 19.44 -15.42
C GLN B 206 11.88 20.26 -16.67
N ILE B 207 13.13 20.71 -16.80
CA ILE B 207 13.57 21.43 -17.99
C ILE B 207 14.67 20.66 -18.70
N GLY B 208 14.45 20.41 -19.99
CA GLY B 208 15.42 19.71 -20.83
C GLY B 208 15.47 18.22 -20.54
N GLY B 209 16.45 17.55 -21.14
CA GLY B 209 16.67 16.13 -20.91
C GLY B 209 17.66 15.90 -19.80
N LEU B 210 18.35 14.76 -19.85
CA LEU B 210 19.32 14.38 -18.83
C LEU B 210 20.71 14.90 -19.18
N ILE B 211 21.33 15.60 -18.24
CA ILE B 211 22.67 16.17 -18.43
C ILE B 211 23.80 15.11 -18.39
N ASP B 212 23.68 14.12 -17.51
CA ASP B 212 24.55 12.95 -17.54
C ASP B 212 23.72 11.66 -17.52
N SER B 213 24.35 10.53 -17.26
CA SER B 213 23.64 9.26 -17.22
C SER B 213 24.25 8.33 -16.19
N LYS B 214 23.39 7.78 -15.32
CA LYS B 214 23.84 6.89 -14.27
C LYS B 214 22.69 6.10 -13.69
N GLY B 215 23.02 5.09 -12.91
CA GLY B 215 22.00 4.25 -12.30
C GLY B 215 22.24 3.97 -10.83
N TYR B 216 21.14 3.71 -10.13
CA TYR B 216 21.19 3.18 -8.77
C TYR B 216 21.29 1.66 -8.85
N GLY B 217 22.22 1.07 -8.13
CA GLY B 217 22.32 -0.39 -8.07
C GLY B 217 22.37 -0.91 -6.65
N VAL B 218 22.18 -2.21 -6.48
CA VAL B 218 22.35 -2.80 -5.15
C VAL B 218 23.84 -3.07 -4.91
N GLY B 219 24.38 -2.53 -3.83
CA GLY B 219 25.81 -2.70 -3.50
C GLY B 219 26.03 -4.01 -2.75
N THR B 220 27.18 -4.64 -3.00
CA THR B 220 27.59 -5.84 -2.27
C THR B 220 29.10 -5.76 -2.05
N PRO B 221 29.64 -6.54 -1.09
N PRO B 221 29.63 -6.58 -1.11
CA PRO B 221 31.09 -6.62 -1.05
CA PRO B 221 31.09 -6.66 -1.05
C PRO B 221 31.64 -7.24 -2.33
C PRO B 221 31.64 -7.25 -2.35
N ILE B 222 32.90 -6.96 -2.63
CA ILE B 222 33.53 -7.51 -3.83
C ILE B 222 33.47 -9.03 -3.73
N GLY B 223 33.01 -9.68 -4.80
CA GLY B 223 32.95 -11.14 -4.85
C GLY B 223 31.66 -11.76 -4.32
N SER B 224 30.73 -10.94 -3.83
CA SER B 224 29.48 -11.49 -3.28
C SER B 224 28.75 -12.36 -4.30
N PRO B 225 28.32 -13.57 -3.88
CA PRO B 225 27.54 -14.45 -4.75
C PRO B 225 26.11 -13.98 -4.97
N TYR B 226 25.69 -12.92 -4.28
CA TYR B 226 24.34 -12.36 -4.46
C TYR B 226 24.23 -11.35 -5.60
N ARG B 227 25.35 -10.77 -6.02
CA ARG B 227 25.31 -9.64 -6.96
C ARG B 227 24.62 -10.03 -8.28
N ASP B 228 25.12 -11.07 -8.93
CA ASP B 228 24.53 -11.49 -10.20
C ASP B 228 23.10 -11.98 -10.04
N LYS B 229 22.80 -12.64 -8.92
CA LYS B 229 21.41 -13.09 -8.66
C LYS B 229 20.48 -11.88 -8.56
N ILE B 230 20.96 -10.84 -7.93
CA ILE B 230 20.16 -9.61 -7.79
C ILE B 230 19.95 -8.93 -9.15
N THR B 231 20.99 -8.90 -9.98
CA THR B 231 20.84 -8.41 -11.35
C THR B 231 19.70 -9.16 -12.07
N ILE B 232 19.73 -10.48 -11.97
CA ILE B 232 18.70 -11.29 -12.65
C ILE B 232 17.30 -11.02 -12.10
N ALA B 233 17.18 -10.85 -10.78
CA ALA B 233 15.89 -10.52 -10.19
C ALA B 233 15.40 -9.15 -10.66
N ILE B 234 16.32 -8.19 -10.69
CA ILE B 234 16.01 -6.84 -11.20
C ILE B 234 15.50 -6.87 -12.66
N LEU B 235 16.19 -7.62 -13.52
CA LEU B 235 15.75 -7.74 -14.91
C LEU B 235 14.35 -8.36 -15.00
N GLN B 236 14.10 -9.39 -14.21
CA GLN B 236 12.77 -10.01 -14.17
C GLN B 236 11.69 -9.00 -13.74
N LEU B 237 11.96 -8.26 -12.67
CA LEU B 237 11.04 -7.23 -12.20
C LEU B 237 10.79 -6.13 -13.22
N GLN B 238 11.84 -5.71 -13.95
CA GLN B 238 11.68 -4.71 -15.02
C GLN B 238 10.79 -5.25 -16.11
N GLU B 239 11.16 -6.42 -16.62
CA GLU B 239 10.45 -7.01 -17.74
C GLU B 239 8.99 -7.34 -17.44
N GLU B 240 8.69 -7.73 -16.20
N GLU B 240 8.72 -7.71 -16.18
CA GLU B 240 7.31 -8.04 -15.82
CA GLU B 240 7.36 -8.04 -15.73
C GLU B 240 6.53 -6.81 -15.34
C GLU B 240 6.51 -6.80 -15.42
N GLY B 241 7.13 -5.63 -15.55
CA GLY B 241 6.46 -4.35 -15.30
C GLY B 241 6.37 -3.97 -13.83
N LYS B 242 7.07 -4.71 -12.97
CA LYS B 242 6.99 -4.49 -11.53
C LYS B 242 7.77 -3.26 -11.06
N LEU B 243 8.93 -3.01 -11.67
CA LEU B 243 9.67 -1.79 -11.34
C LEU B 243 8.90 -0.54 -11.71
N HIS B 244 8.19 -0.59 -12.85
CA HIS B 244 7.32 0.51 -13.26
C HIS B 244 6.22 0.77 -12.23
N MET B 245 5.54 -0.29 -11.79
N MET B 245 5.54 -0.29 -11.79
CA MET B 245 4.44 -0.14 -10.85
CA MET B 245 4.44 -0.13 -10.84
C MET B 245 4.98 0.32 -9.49
C MET B 245 4.93 0.28 -9.46
N MET B 246 6.12 -0.23 -9.11
N MET B 246 6.11 -0.21 -9.08
CA MET B 246 6.81 0.18 -7.89
CA MET B 246 6.71 0.22 -7.82
C MET B 246 7.09 1.67 -7.90
C MET B 246 7.11 1.70 -7.87
N LYS B 247 7.63 2.16 -9.01
CA LYS B 247 7.94 3.57 -9.19
C LYS B 247 6.67 4.43 -9.14
N GLU B 248 5.63 3.97 -9.82
CA GLU B 248 4.33 4.67 -9.82
C GLU B 248 3.72 4.76 -8.43
N LYS B 249 3.81 3.67 -7.68
CA LYS B 249 3.32 3.64 -6.29
C LYS B 249 3.85 4.81 -5.47
N TRP B 250 5.16 5.06 -5.59
CA TRP B 250 5.84 6.02 -4.71
C TRP B 250 5.98 7.44 -5.28
N TRP B 251 6.07 7.56 -6.59
CA TRP B 251 6.27 8.86 -7.22
C TRP B 251 4.99 9.62 -7.56
N ARG B 252 3.93 8.91 -7.96
CA ARG B 252 2.72 9.57 -8.44
C ARG B 252 2.06 10.44 -7.37
N GLY B 253 1.75 11.68 -7.73
CA GLY B 253 1.16 12.64 -6.79
C GLY B 253 -0.34 12.77 -6.92
N ASN B 254 -0.88 13.85 -6.34
CA ASN B 254 -2.31 14.14 -6.36
C ASN B 254 -2.84 14.48 -7.74
CL CL C . -9.18 3.91 15.37
OH2 1PE D . -27.29 -3.68 -16.56
C12 1PE D . -27.79 -4.30 -15.36
C22 1PE D . -29.04 -5.13 -15.64
OH3 1PE D . -30.21 -4.32 -15.68
C13 1PE D . -31.98 -3.34 -17.02
C23 1PE D . -30.62 -4.05 -17.03
OH4 1PE D . -33.02 -4.31 -17.06
C14 1PE D . -35.39 -4.63 -17.28
C24 1PE D . -34.28 -3.74 -16.73
OH5 1PE D . -35.39 -5.84 -16.52
C15 1PE D . -36.29 -8.02 -16.17
C25 1PE D . -36.49 -6.67 -16.83
OH6 1PE D . -34.92 -8.41 -16.28
C16 1PE D . -33.31 -10.17 -15.88
C26 1PE D . -34.64 -9.56 -15.48
OH7 1PE D . -33.41 -10.78 -17.16
O23 UB1 E . -19.89 -16.07 7.18
C22 UB1 E . -19.26 -16.72 6.31
O24 UB1 E . -18.62 -17.75 6.58
C21 UB1 E . -19.26 -16.25 4.91
S20 UB1 E . -18.72 -17.29 3.63
C19 UB1 E . -18.96 -16.16 2.36
BR26 UB1 E . -18.60 -16.46 0.43
C18 UB1 E . -19.49 -14.91 2.93
BR25 UB1 E . -19.89 -13.36 1.79
C17 UB1 E . -19.67 -14.90 4.41
C16 UB1 E . -20.19 -13.78 5.26
N3 UB1 E . -19.61 -12.52 4.81
C2 UB1 E . -20.50 -11.47 4.53
O14 UB1 E . -21.73 -11.64 4.67
C1 UB1 E . -19.96 -10.19 4.07
C13 UB1 E . -20.91 -9.07 3.76
C6 UB1 E . -18.59 -10.04 3.94
C4 UB1 E . -18.22 -12.31 4.66
O15 UB1 E . -17.38 -13.21 4.90
N5 UB1 E . -17.74 -11.04 4.22
C7 UB1 E . -16.29 -10.85 4.08
C8 UB1 E . -15.64 -10.60 5.45
N9 UB1 E . -16.43 -9.62 6.19
C10 UB1 E . -14.21 -10.17 5.29
O11 UB1 E . -13.85 -9.00 5.63
O12 UB1 E . -13.38 -10.98 4.82
CL CL F . 27.33 -6.59 -13.54
OH2 1PE G . 5.42 10.75 11.25
C12 1PE G . 5.55 10.87 12.67
C22 1PE G . 5.22 9.56 13.38
OH3 1PE G . 3.82 9.28 13.25
C13 1PE G . 1.99 7.82 13.86
C23 1PE G . 3.49 8.11 14.01
OH4 1PE G . 1.28 9.05 13.99
C14 1PE G . -0.81 10.23 13.95
C24 1PE G . -0.10 8.91 13.68
OH5 1PE G . -0.35 11.22 13.03
C15 1PE G . -0.64 13.47 12.19
C25 1PE G . -1.29 12.28 12.89
OH6 1PE G . 0.06 14.25 13.16
C16 1PE G . 2.07 15.53 12.78
C26 1PE G . 0.56 15.46 12.60
OH7 1PE G . 2.35 15.83 14.15
O23 UB1 H . 21.55 15.86 -7.12
C22 UB1 H . 22.16 16.33 -6.12
O24 UB1 H . 23.11 17.11 -6.24
C21 UB1 H . 21.76 15.93 -4.75
S20 UB1 H . 22.34 16.80 -3.38
C19 UB1 H . 21.53 15.86 -2.19
BR26 UB1 H . 21.61 16.12 -0.23
C18 UB1 H . 20.78 14.80 -2.88
BR25 UB1 H . 19.73 13.47 -1.86
C17 UB1 H . 20.87 14.79 -4.37
C16 UB1 H . 20.22 13.84 -5.32
N3 UB1 H . 20.31 12.48 -4.80
C2 UB1 H . 19.13 11.75 -4.74
O14 UB1 H . 18.05 12.24 -5.11
C1 UB1 H . 19.18 10.37 -4.22
C13 UB1 H . 17.92 9.57 -4.13
C6 UB1 H . 20.41 9.84 -3.82
C4 UB1 H . 21.54 11.89 -4.37
O15 UB1 H . 22.63 12.51 -4.42
N5 UB1 H . 21.54 10.55 -3.89
C7 UB1 H . 22.83 9.97 -3.47
C8 UB1 H . 23.62 9.46 -4.69
N9 UB1 H . 22.74 8.70 -5.57
C10 UB1 H . 24.81 8.64 -4.24
O11 UB1 H . 24.86 7.41 -4.51
O12 UB1 H . 25.72 9.20 -3.58
#